data_1XUD
#
_entry.id   1XUD
#
_cell.length_a   134.022
_cell.length_b   36.475
_cell.length_c   95.060
_cell.angle_alpha   90
_cell.angle_beta   130.412
_cell.angle_gamma   90
#
_symmetry.space_group_name_H-M   'C 1 2 1'
#
loop_
_entity.id
_entity.type
_entity.pdbx_description
1 polymer 'Collagenase 3'
2 non-polymer 'ZINC ION'
3 non-polymer 'CALCIUM ION'
4 non-polymer "N,N'-BIS(4-FLUORO-3-METHYLBENZYL)PYRIMIDINE-4,6-DICARBOXAMIDE"
5 water water
#
_entity_poly.entity_id   1
_entity_poly.type   'polypeptide(L)'
_entity_poly.pdbx_seq_one_letter_code
;YNVFPRTLKWSKMNLTYRIVNYTPDMTHSEVEKAFKKAFKVWSDVTPLNFTRLHDGIADIMISFGIKEHGDFYPFDGPSG
LLAHAFPPGPNYGGDAHFDDDETWTSSSKGYNLFLVAAHEFGHSLGLDHSKDPGALMFPIYTYTGKSHFMLPDDDVQGIQ
SLYGPGDEDPN
;
_entity_poly.pdbx_strand_id   A,B
#
loop_
_chem_comp.id
_chem_comp.type
_chem_comp.name
_chem_comp.formula
CA non-polymer 'CALCIUM ION' 'Ca 2'
PB4 non-polymer N,N'-BIS(4-FLUORO-3-METHYLBENZYL)PYRIMIDINE-4,6-DICARBOXAMIDE 'C22 H20 F2 N4 O2'
ZN non-polymer 'ZINC ION' 'Zn 2'
#
# COMPACT_ATOMS: atom_id res chain seq x y z
N TYR A 1 -17.69 4.93 -10.41
CA TYR A 1 -16.97 3.94 -9.56
C TYR A 1 -15.52 3.79 -10.03
N ASN A 2 -14.71 3.15 -9.20
CA ASN A 2 -13.30 2.94 -9.54
C ASN A 2 -12.79 1.64 -8.94
N VAL A 3 -12.16 0.82 -9.78
CA VAL A 3 -11.59 -0.43 -9.31
C VAL A 3 -10.11 -0.16 -9.10
N PHE A 4 -9.45 -0.97 -8.29
CA PHE A 4 -8.03 -0.78 -8.03
C PHE A 4 -7.21 -1.00 -9.29
N PRO A 5 -6.19 -0.16 -9.51
CA PRO A 5 -5.31 -0.24 -10.67
C PRO A 5 -4.79 -1.65 -10.92
N ARG A 6 -4.44 -1.95 -12.17
CA ARG A 6 -3.93 -3.26 -12.53
C ARG A 6 -2.57 -3.55 -11.90
N THR A 7 -1.70 -2.54 -11.90
CA THR A 7 -0.37 -2.70 -11.31
C THR A 7 -0.16 -1.74 -10.16
N LEU A 8 0.75 -2.10 -9.26
CA LEU A 8 1.06 -1.28 -8.10
C LEU A 8 1.91 -0.10 -8.57
N LYS A 9 1.31 1.09 -8.61
CA LYS A 9 2.02 2.28 -9.05
C LYS A 9 1.39 3.54 -8.49
N TRP A 10 2.13 4.64 -8.53
CA TRP A 10 1.62 5.92 -8.06
C TRP A 10 0.64 6.43 -9.11
N SER A 11 -0.50 6.94 -8.66
CA SER A 11 -1.53 7.45 -9.57
C SER A 11 -1.38 8.92 -9.90
N LYS A 12 -0.26 9.50 -9.50
CA LYS A 12 0.02 10.91 -9.75
C LYS A 12 1.47 11.05 -10.20
N MET A 13 1.72 11.99 -11.12
CA MET A 13 3.07 12.20 -11.63
C MET A 13 3.95 13.04 -10.70
N ASN A 14 3.32 13.89 -9.89
CA ASN A 14 4.07 14.73 -8.96
C ASN A 14 4.29 13.98 -7.64
N LEU A 15 5.52 13.57 -7.40
CA LEU A 15 5.85 12.84 -6.17
C LEU A 15 6.80 13.67 -5.32
N THR A 16 6.74 13.47 -4.01
CA THR A 16 7.59 14.20 -3.09
C THR A 16 8.43 13.23 -2.29
N TYR A 17 9.60 13.68 -1.86
CA TYR A 17 10.47 12.85 -1.04
C TYR A 17 11.05 13.70 0.08
N ARG A 18 11.49 13.03 1.15
CA ARG A 18 12.08 13.73 2.28
C ARG A 18 13.20 12.91 2.88
N ILE A 19 14.35 13.54 3.07
CA ILE A 19 15.51 12.87 3.68
C ILE A 19 15.32 13.14 5.18
N VAL A 20 14.81 12.13 5.88
CA VAL A 20 14.52 12.23 7.31
C VAL A 20 15.76 12.37 8.17
N ASN A 21 16.80 11.63 7.85
CA ASN A 21 18.05 11.72 8.60
C ASN A 21 19.23 11.38 7.70
N TYR A 22 20.43 11.50 8.25
CA TYR A 22 21.65 11.26 7.49
C TYR A 22 22.64 10.28 8.11
N THR A 23 23.33 9.54 7.24
CA THR A 23 24.34 8.58 7.66
C THR A 23 25.59 9.34 8.12
N PRO A 24 26.37 8.74 9.04
CA PRO A 24 27.58 9.40 9.52
C PRO A 24 28.68 9.38 8.46
N ASP A 25 28.55 8.49 7.48
CA ASP A 25 29.56 8.29 6.44
C ASP A 25 29.79 9.36 5.38
N MET A 26 28.78 10.16 5.11
CA MET A 26 28.87 11.19 4.08
C MET A 26 28.32 12.54 4.54
N THR A 27 28.75 13.62 3.89
CA THR A 27 28.27 14.95 4.26
C THR A 27 26.82 15.06 3.80
N HIS A 28 26.09 16.03 4.35
CA HIS A 28 24.70 16.21 3.95
C HIS A 28 24.61 16.47 2.45
N SER A 29 25.53 17.29 1.94
CA SER A 29 25.56 17.62 0.53
C SER A 29 25.76 16.38 -0.35
N GLU A 30 26.65 15.50 0.06
CA GLU A 30 26.92 14.27 -0.70
C GLU A 30 25.68 13.38 -0.76
N VAL A 31 24.99 13.26 0.37
CA VAL A 31 23.79 12.43 0.44
C VAL A 31 22.68 13.02 -0.42
N GLU A 32 22.48 14.33 -0.31
CA GLU A 32 21.44 15.01 -1.08
C GLU A 32 21.71 14.88 -2.58
N LYS A 33 22.97 15.05 -2.97
CA LYS A 33 23.37 14.94 -4.37
C LYS A 33 23.09 13.54 -4.89
N ALA A 34 23.47 12.54 -4.11
CA ALA A 34 23.25 11.14 -4.47
C ALA A 34 21.78 10.80 -4.70
N PHE A 35 20.92 11.23 -3.79
CA PHE A 35 19.49 10.96 -3.92
C PHE A 35 18.87 11.74 -5.07
N LYS A 36 19.30 12.98 -5.25
CA LYS A 36 18.75 13.79 -6.33
C LYS A 36 19.07 13.14 -7.68
N LYS A 37 20.31 12.68 -7.82
CA LYS A 37 20.75 12.03 -9.05
C LYS A 37 20.00 10.71 -9.27
N ALA A 38 19.73 10.00 -8.17
CA ALA A 38 19.02 8.73 -8.23
C ALA A 38 17.59 8.94 -8.70
N PHE A 39 16.93 9.98 -8.21
CA PHE A 39 15.56 10.23 -8.65
C PHE A 39 15.56 10.66 -10.11
N LYS A 40 16.59 11.39 -10.53
CA LYS A 40 16.68 11.85 -11.90
C LYS A 40 16.82 10.68 -12.88
N VAL A 41 17.38 9.58 -12.40
CA VAL A 41 17.53 8.38 -13.23
C VAL A 41 16.15 7.95 -13.73
N TRP A 42 15.16 8.05 -12.85
CA TRP A 42 13.81 7.64 -13.20
C TRP A 42 12.97 8.74 -13.85
N SER A 43 13.12 9.98 -13.39
CA SER A 43 12.35 11.07 -13.98
C SER A 43 12.77 11.32 -15.42
N ASP A 44 14.02 11.02 -15.75
CA ASP A 44 14.51 11.23 -17.10
C ASP A 44 13.84 10.33 -18.14
N VAL A 45 13.28 9.21 -17.70
CA VAL A 45 12.65 8.27 -18.64
C VAL A 45 11.15 8.03 -18.44
N THR A 46 10.50 8.91 -17.69
CA THR A 46 9.07 8.82 -17.41
C THR A 46 8.53 10.25 -17.29
N PRO A 47 7.22 10.41 -16.98
CA PRO A 47 6.66 11.75 -16.83
C PRO A 47 6.70 12.17 -15.36
N LEU A 48 7.34 11.35 -14.53
CA LEU A 48 7.42 11.61 -13.10
C LEU A 48 8.25 12.83 -12.69
N ASN A 49 7.80 13.53 -11.65
CA ASN A 49 8.49 14.69 -11.12
C ASN A 49 8.75 14.41 -9.64
N PHE A 50 9.93 14.76 -9.16
CA PHE A 50 10.27 14.54 -7.77
C PHE A 50 10.63 15.87 -7.11
N THR A 51 9.87 16.23 -6.07
CA THR A 51 10.11 17.46 -5.33
C THR A 51 10.52 17.13 -3.91
N ARG A 52 11.61 17.73 -3.47
CA ARG A 52 12.11 17.47 -2.13
C ARG A 52 11.39 18.30 -1.06
N LEU A 53 11.05 17.65 0.04
CA LEU A 53 10.41 18.30 1.18
C LEU A 53 11.43 18.20 2.32
N HIS A 54 11.53 19.25 3.13
CA HIS A 54 12.48 19.24 4.23
C HIS A 54 11.87 18.76 5.53
N ASP A 55 10.54 18.71 5.55
CA ASP A 55 9.82 18.25 6.73
C ASP A 55 8.42 17.81 6.31
N GLY A 56 7.65 17.31 7.26
CA GLY A 56 6.30 16.87 6.93
C GLY A 56 6.28 15.48 6.30
N ILE A 57 5.13 15.10 5.77
CA ILE A 57 4.99 13.79 5.17
C ILE A 57 5.09 13.82 3.64
N ALA A 58 6.11 13.16 3.12
CA ALA A 58 6.35 13.07 1.69
C ALA A 58 5.95 11.68 1.21
N ASP A 59 5.77 11.52 -0.09
CA ASP A 59 5.40 10.23 -0.64
C ASP A 59 6.47 9.20 -0.38
N ILE A 60 7.73 9.60 -0.54
CA ILE A 60 8.86 8.71 -0.32
C ILE A 60 9.71 9.23 0.83
N MET A 61 9.53 8.63 2.00
CA MET A 61 10.29 9.03 3.19
C MET A 61 11.59 8.24 3.19
N ILE A 62 12.72 8.95 3.24
CA ILE A 62 14.04 8.31 3.22
C ILE A 62 14.73 8.39 4.57
N SER A 63 15.22 7.26 5.07
CA SER A 63 15.90 7.28 6.35
C SER A 63 16.98 6.22 6.49
N PHE A 64 17.92 6.48 7.39
CA PHE A 64 19.01 5.56 7.69
C PHE A 64 18.73 5.03 9.09
N GLY A 65 18.83 3.71 9.27
CA GLY A 65 18.58 3.14 10.57
C GLY A 65 19.29 1.81 10.73
N ILE A 66 19.24 1.27 11.94
CA ILE A 66 19.88 -0.01 12.18
C ILE A 66 18.93 -0.96 12.90
N LYS A 67 19.23 -2.25 12.83
CA LYS A 67 18.43 -3.28 13.49
C LYS A 67 16.93 -2.99 13.37
N GLU A 68 16.21 -3.04 14.48
CA GLU A 68 14.77 -2.73 14.45
C GLU A 68 14.65 -1.23 14.26
N HIS A 69 13.92 -0.80 13.23
CA HIS A 69 13.77 0.61 12.97
C HIS A 69 12.35 1.07 12.62
N GLY A 70 11.36 0.24 12.96
CA GLY A 70 9.99 0.64 12.70
C GLY A 70 9.17 -0.13 11.67
N ASP A 71 9.59 -1.34 11.33
CA ASP A 71 8.83 -2.16 10.40
C ASP A 71 9.12 -3.63 10.60
N PHE A 72 8.58 -4.47 9.71
CA PHE A 72 8.80 -5.90 9.84
C PHE A 72 10.07 -6.40 9.18
N TYR A 73 10.95 -5.47 8.80
CA TYR A 73 12.19 -5.86 8.14
C TYR A 73 13.43 -5.29 8.81
N PRO A 74 13.71 -5.74 10.05
CA PRO A 74 14.88 -5.24 10.79
C PRO A 74 16.19 -5.52 10.05
N PHE A 75 17.13 -4.59 10.16
CA PHE A 75 18.41 -4.79 9.51
C PHE A 75 19.24 -5.73 10.37
N ASP A 76 20.42 -6.11 9.88
CA ASP A 76 21.24 -7.11 10.56
C ASP A 76 22.68 -6.77 10.89
N GLY A 77 23.00 -5.50 11.16
CA GLY A 77 24.38 -5.15 11.47
C GLY A 77 25.22 -5.11 10.21
N PRO A 78 26.55 -4.99 10.31
CA PRO A 78 27.35 -4.95 9.09
C PRO A 78 27.22 -6.21 8.22
N SER A 79 27.23 -6.01 6.90
CA SER A 79 27.10 -7.07 5.89
C SER A 79 25.67 -7.58 5.82
N GLY A 80 25.37 -8.45 4.85
CA GLY A 80 24.02 -8.96 4.72
C GLY A 80 23.09 -7.95 4.07
N LEU A 81 21.92 -7.73 4.65
CA LEU A 81 20.95 -6.79 4.11
C LEU A 81 21.57 -5.40 4.05
N LEU A 82 21.26 -4.61 3.04
CA LEU A 82 21.84 -3.27 2.98
C LEU A 82 20.78 -2.17 2.92
N ALA A 83 19.63 -2.50 2.33
CA ALA A 83 18.56 -1.52 2.21
C ALA A 83 17.32 -2.15 1.60
N HIS A 84 16.20 -1.44 1.70
CA HIS A 84 14.96 -1.92 1.13
C HIS A 84 13.98 -0.76 1.01
N ALA A 85 12.99 -0.94 0.16
CA ALA A 85 11.99 0.10 -0.06
C ALA A 85 10.64 -0.56 -0.28
N PHE A 86 9.58 0.11 0.15
CA PHE A 86 8.24 -0.42 0.01
C PHE A 86 7.60 0.02 -1.30
N PRO A 87 6.82 -0.87 -1.91
CA PRO A 87 6.16 -0.53 -3.17
C PRO A 87 5.13 0.57 -2.99
N PRO A 88 4.68 1.19 -4.09
CA PRO A 88 3.69 2.27 -4.06
C PRO A 88 2.50 1.91 -3.20
N GLY A 89 2.05 2.86 -2.37
CA GLY A 89 0.91 2.61 -1.52
C GLY A 89 0.83 3.66 -0.42
N PRO A 90 -0.23 3.60 0.40
CA PRO A 90 -0.41 4.57 1.48
C PRO A 90 0.61 4.43 2.60
N ASN A 91 0.68 5.46 3.44
CA ASN A 91 1.57 5.48 4.58
C ASN A 91 3.01 5.12 4.28
N TYR A 92 3.51 3.98 4.75
CA TYR A 92 4.90 3.62 4.49
C TYR A 92 5.21 3.18 3.06
N GLY A 93 4.18 3.09 2.23
CA GLY A 93 4.40 2.69 0.84
C GLY A 93 5.35 3.65 0.16
N GLY A 94 6.35 3.12 -0.55
CA GLY A 94 7.31 3.99 -1.22
C GLY A 94 8.52 4.37 -0.39
N ASP A 95 8.42 4.26 0.93
CA ASP A 95 9.53 4.63 1.80
C ASP A 95 10.77 3.80 1.53
N ALA A 96 11.94 4.41 1.72
CA ALA A 96 13.21 3.75 1.49
C ALA A 96 14.09 3.81 2.74
N HIS A 97 14.56 2.64 3.16
CA HIS A 97 15.40 2.54 4.35
C HIS A 97 16.79 2.00 4.02
N PHE A 98 17.80 2.64 4.57
CA PHE A 98 19.20 2.24 4.36
C PHE A 98 19.81 1.81 5.68
N ASP A 99 20.45 0.65 5.67
CA ASP A 99 21.07 0.10 6.86
C ASP A 99 22.32 0.90 7.21
N ASP A 100 22.26 1.65 8.31
CA ASP A 100 23.40 2.45 8.68
C ASP A 100 24.54 1.70 9.37
N ASP A 101 24.50 0.37 9.30
CA ASP A 101 25.60 -0.43 9.84
C ASP A 101 26.48 -0.79 8.64
N GLU A 102 26.06 -0.32 7.46
CA GLU A 102 26.83 -0.54 6.24
C GLU A 102 27.67 0.71 6.03
N THR A 103 28.60 0.66 5.07
CA THR A 103 29.42 1.82 4.77
C THR A 103 28.91 2.42 3.47
N TRP A 104 28.47 3.67 3.54
CA TRP A 104 27.94 4.36 2.37
C TRP A 104 28.96 5.35 1.83
N THR A 105 29.11 5.37 0.50
CA THR A 105 30.08 6.25 -0.13
C THR A 105 29.58 6.86 -1.42
N SER A 106 30.37 7.79 -1.96
CA SER A 106 30.06 8.43 -3.23
C SER A 106 31.12 7.98 -4.23
N SER A 107 31.83 6.92 -3.86
CA SER A 107 32.89 6.35 -4.71
C SER A 107 32.57 4.88 -5.00
N SER A 108 33.61 4.09 -5.23
CA SER A 108 33.44 2.67 -5.52
C SER A 108 33.66 1.80 -4.28
N LYS A 109 34.06 2.42 -3.18
CA LYS A 109 34.29 1.69 -1.94
C LYS A 109 32.96 1.47 -1.24
N GLY A 110 32.88 0.41 -0.42
CA GLY A 110 31.64 0.12 0.27
C GLY A 110 30.49 0.10 -0.73
N TYR A 111 29.34 0.64 -0.34
CA TYR A 111 28.20 0.68 -1.24
C TYR A 111 28.00 2.09 -1.73
N ASN A 112 27.94 2.28 -3.03
CA ASN A 112 27.74 3.61 -3.60
C ASN A 112 26.28 3.99 -3.32
N LEU A 113 26.08 5.03 -2.50
CA LEU A 113 24.73 5.45 -2.13
C LEU A 113 23.83 5.74 -3.33
N PHE A 114 24.36 6.49 -4.31
CA PHE A 114 23.59 6.80 -5.51
C PHE A 114 23.07 5.53 -6.18
N LEU A 115 23.95 4.56 -6.37
CA LEU A 115 23.58 3.32 -7.03
C LEU A 115 22.52 2.55 -6.25
N VAL A 116 22.73 2.40 -4.95
CA VAL A 116 21.76 1.70 -4.12
C VAL A 116 20.45 2.47 -4.09
N ALA A 117 20.54 3.80 -3.98
CA ALA A 117 19.33 4.62 -3.96
C ALA A 117 18.55 4.48 -5.27
N ALA A 118 19.25 4.50 -6.40
CA ALA A 118 18.57 4.37 -7.69
C ALA A 118 17.78 3.07 -7.68
N HIS A 119 18.41 2.01 -7.19
CA HIS A 119 17.80 0.70 -7.10
C HIS A 119 16.57 0.72 -6.18
N GLU A 120 16.74 1.26 -4.98
CA GLU A 120 15.64 1.33 -4.03
C GLU A 120 14.45 2.14 -4.55
N PHE A 121 14.73 3.26 -5.22
CA PHE A 121 13.65 4.08 -5.74
C PHE A 121 12.91 3.33 -6.84
N GLY A 122 13.58 2.37 -7.47
CA GLY A 122 12.93 1.57 -8.48
C GLY A 122 11.82 0.80 -7.78
N HIS A 123 12.12 0.29 -6.59
CA HIS A 123 11.13 -0.43 -5.81
C HIS A 123 10.04 0.53 -5.34
N SER A 124 10.46 1.71 -4.88
CA SER A 124 9.52 2.73 -4.42
C SER A 124 8.51 3.09 -5.52
N LEU A 125 8.93 2.92 -6.76
CA LEU A 125 8.06 3.27 -7.89
C LEU A 125 7.26 2.09 -8.45
N GLY A 126 7.54 0.88 -7.99
CA GLY A 126 6.77 -0.26 -8.47
C GLY A 126 7.53 -1.38 -9.14
N LEU A 127 8.85 -1.27 -9.21
CA LEU A 127 9.63 -2.34 -9.83
C LEU A 127 10.14 -3.33 -8.81
N ASP A 128 10.06 -4.62 -9.15
CA ASP A 128 10.56 -5.67 -8.29
C ASP A 128 11.91 -6.03 -8.91
N HIS A 129 12.47 -7.18 -8.55
CA HIS A 129 13.76 -7.58 -9.11
C HIS A 129 13.67 -8.17 -10.52
N SER A 130 14.76 -8.01 -11.26
CA SER A 130 14.87 -8.49 -12.64
C SER A 130 15.86 -9.65 -12.70
N LYS A 131 15.73 -10.50 -13.72
CA LYS A 131 16.65 -11.62 -13.87
C LYS A 131 17.84 -11.25 -14.76
N ASP A 132 17.78 -10.07 -15.35
CA ASP A 132 18.87 -9.59 -16.22
C ASP A 132 20.04 -9.21 -15.31
N PRO A 133 21.15 -9.97 -15.37
CA PRO A 133 22.34 -9.73 -14.55
C PRO A 133 22.89 -8.31 -14.63
N GLY A 134 22.64 -7.62 -15.74
CA GLY A 134 23.14 -6.27 -15.88
C GLY A 134 22.14 -5.17 -15.56
N ALA A 135 20.95 -5.54 -15.13
CA ALA A 135 19.92 -4.56 -14.81
C ALA A 135 20.17 -3.89 -13.46
N LEU A 136 19.69 -2.64 -13.34
CA LEU A 136 19.82 -1.90 -12.10
C LEU A 136 19.02 -2.65 -11.05
N MET A 137 17.90 -3.23 -11.46
CA MET A 137 17.05 -3.97 -10.54
C MET A 137 17.43 -5.43 -10.30
N PHE A 138 18.61 -5.84 -10.75
CA PHE A 138 19.07 -7.20 -10.50
C PHE A 138 19.15 -7.24 -8.97
N PRO A 139 18.88 -8.40 -8.34
CA PRO A 139 18.94 -8.44 -6.88
C PRO A 139 20.28 -8.32 -6.16
N ILE A 140 21.38 -8.50 -6.89
CA ILE A 140 22.71 -8.43 -6.27
C ILE A 140 23.56 -7.25 -6.70
N TYR A 141 24.00 -6.47 -5.73
CA TYR A 141 24.85 -5.29 -5.97
C TYR A 141 26.05 -5.70 -6.82
N THR A 142 26.15 -5.09 -8.00
CA THR A 142 27.23 -5.41 -8.92
C THR A 142 27.81 -4.14 -9.56
N TYR A 143 28.60 -3.39 -8.80
CA TYR A 143 29.22 -2.17 -9.29
C TYR A 143 30.12 -2.56 -10.48
N THR A 144 29.91 -1.90 -11.62
CA THR A 144 30.68 -2.20 -12.83
C THR A 144 32.00 -1.48 -12.98
N GLY A 145 32.17 -0.36 -12.28
CA GLY A 145 33.42 0.38 -12.39
C GLY A 145 33.43 1.42 -13.48
N LYS A 146 32.40 1.44 -14.31
CA LYS A 146 32.31 2.43 -15.39
C LYS A 146 32.24 3.83 -14.80
N SER A 147 32.73 4.81 -15.55
CA SER A 147 32.75 6.20 -15.10
C SER A 147 31.41 6.91 -15.30
N HIS A 148 30.57 6.38 -16.17
CA HIS A 148 29.29 7.00 -16.45
C HIS A 148 28.13 6.03 -16.23
N PHE A 149 27.10 6.48 -15.51
CA PHE A 149 25.95 5.61 -15.28
C PHE A 149 24.92 5.78 -16.37
N MET A 150 24.38 4.67 -16.85
CA MET A 150 23.36 4.69 -17.88
C MET A 150 22.35 3.62 -17.49
N LEU A 151 21.08 4.02 -17.34
CA LEU A 151 20.02 3.09 -16.96
C LEU A 151 19.88 2.00 -18.02
N PRO A 152 20.06 0.73 -17.63
CA PRO A 152 19.95 -0.41 -18.55
C PRO A 152 18.57 -0.48 -19.18
N ASP A 153 18.49 -0.97 -20.43
CA ASP A 153 17.22 -1.04 -21.12
C ASP A 153 16.14 -1.83 -20.37
N ASP A 154 16.53 -2.90 -19.69
CA ASP A 154 15.54 -3.69 -18.96
C ASP A 154 14.79 -2.81 -17.96
N ASP A 155 15.53 -1.95 -17.27
CA ASP A 155 14.93 -1.04 -16.29
C ASP A 155 14.09 0.02 -16.98
N VAL A 156 14.56 0.50 -18.12
CA VAL A 156 13.81 1.51 -18.86
C VAL A 156 12.48 0.93 -19.29
N GLN A 157 12.51 -0.27 -19.87
CA GLN A 157 11.27 -0.90 -20.31
C GLN A 157 10.33 -1.16 -19.14
N GLY A 158 10.90 -1.57 -18.01
CA GLY A 158 10.08 -1.85 -16.84
C GLY A 158 9.38 -0.64 -16.27
N ILE A 159 10.14 0.44 -16.04
CA ILE A 159 9.55 1.64 -15.46
C ILE A 159 8.55 2.30 -16.42
N GLN A 160 8.81 2.21 -17.73
CA GLN A 160 7.89 2.82 -18.70
C GLN A 160 6.61 1.99 -18.87
N SER A 161 6.65 0.71 -18.49
CA SER A 161 5.45 -0.13 -18.60
C SER A 161 4.44 0.35 -17.55
N LEU A 162 4.95 1.01 -16.52
CA LEU A 162 4.11 1.51 -15.44
C LEU A 162 3.67 2.97 -15.63
N TYR A 163 4.62 3.83 -16.00
CA TYR A 163 4.32 5.26 -16.12
C TYR A 163 4.39 5.91 -17.50
N GLY A 164 4.73 5.15 -18.54
CA GLY A 164 4.84 5.78 -19.84
C GLY A 164 6.23 6.39 -19.92
N PRO A 165 6.66 6.84 -21.11
CA PRO A 165 8.00 7.44 -21.28
C PRO A 165 8.15 8.93 -21.00
N GLY A 166 7.04 9.65 -20.88
CA GLY A 166 7.16 11.07 -20.66
C GLY A 166 7.71 11.60 -21.97
N ASP A 167 8.42 12.73 -21.95
CA ASP A 167 8.99 13.29 -23.16
C ASP A 167 10.08 12.34 -23.64
N GLU A 168 9.96 11.86 -24.88
CA GLU A 168 10.94 10.93 -25.42
C GLU A 168 12.24 11.59 -25.88
N ASP A 169 12.27 12.92 -25.84
CA ASP A 169 13.46 13.66 -26.24
C ASP A 169 13.36 15.12 -25.84
N TYR B 1 12.50 -7.77 -16.56
CA TYR B 1 12.05 -6.96 -15.40
C TYR B 1 10.77 -7.54 -14.80
N ASN B 2 10.42 -7.06 -13.61
CA ASN B 2 9.21 -7.50 -12.93
C ASN B 2 8.60 -6.32 -12.19
N VAL B 3 7.27 -6.31 -12.14
CA VAL B 3 6.56 -5.27 -11.42
C VAL B 3 5.91 -6.02 -10.26
N PHE B 4 5.31 -5.28 -9.33
CA PHE B 4 4.66 -5.92 -8.19
C PHE B 4 3.25 -6.35 -8.59
N PRO B 5 2.93 -7.62 -8.35
CA PRO B 5 1.63 -8.24 -8.66
C PRO B 5 0.45 -7.65 -7.90
N ARG B 6 -0.65 -7.45 -8.63
CA ARG B 6 -1.87 -6.89 -8.03
C ARG B 6 -3.10 -7.72 -8.40
N THR B 7 -3.62 -8.48 -7.43
CA THR B 7 -4.79 -9.29 -7.65
C THR B 7 -6.00 -8.37 -7.78
N LEU B 8 -6.45 -8.15 -9.00
CA LEU B 8 -7.57 -7.25 -9.26
C LEU B 8 -8.89 -7.75 -8.69
N LYS B 9 -9.01 -9.06 -8.53
CA LYS B 9 -10.23 -9.64 -7.99
C LYS B 9 -9.95 -11.06 -7.52
N TRP B 10 -10.78 -11.55 -6.60
CA TRP B 10 -10.59 -12.90 -6.10
C TRP B 10 -10.78 -13.88 -7.25
N SER B 11 -9.89 -14.86 -7.34
CA SER B 11 -9.93 -15.86 -8.40
C SER B 11 -10.99 -16.93 -8.15
N LYS B 12 -11.67 -16.84 -7.01
CA LYS B 12 -12.71 -17.79 -6.64
C LYS B 12 -13.95 -17.02 -6.22
N MET B 13 -15.11 -17.65 -6.33
CA MET B 13 -16.36 -16.99 -5.96
C MET B 13 -16.77 -17.27 -4.51
N ASN B 14 -16.23 -18.34 -3.94
CA ASN B 14 -16.56 -18.69 -2.57
C ASN B 14 -15.45 -18.21 -1.64
N LEU B 15 -15.78 -17.23 -0.82
CA LEU B 15 -14.81 -16.65 0.10
C LEU B 15 -15.20 -16.92 1.55
N THR B 16 -14.21 -16.94 2.43
CA THR B 16 -14.43 -17.20 3.85
C THR B 16 -14.03 -15.97 4.66
N TYR B 17 -14.68 -15.78 5.80
CA TYR B 17 -14.35 -14.66 6.67
C TYR B 17 -14.41 -15.13 8.10
N ARG B 18 -13.74 -14.40 8.98
CA ARG B 18 -13.72 -14.75 10.39
C ARG B 18 -13.70 -13.49 11.24
N ILE B 19 -14.56 -13.45 12.24
CA ILE B 19 -14.63 -12.32 13.16
C ILE B 19 -13.68 -12.75 14.28
N VAL B 20 -12.47 -12.18 14.27
CA VAL B 20 -11.45 -12.54 15.26
C VAL B 20 -11.74 -12.08 16.68
N ASN B 21 -12.22 -10.86 16.82
CA ASN B 21 -12.56 -10.33 18.13
C ASN B 21 -13.73 -9.35 18.00
N TYR B 22 -14.21 -8.86 19.14
CA TYR B 22 -15.37 -7.97 19.16
C TYR B 22 -15.21 -6.64 19.89
N THR B 23 -15.90 -5.63 19.39
CA THR B 23 -15.85 -4.30 20.00
C THR B 23 -16.69 -4.28 21.29
N PRO B 24 -16.30 -3.43 22.25
CA PRO B 24 -17.02 -3.32 23.53
C PRO B 24 -18.40 -2.68 23.39
N ASP B 25 -18.59 -1.91 22.32
CA ASP B 25 -19.83 -1.17 22.09
C ASP B 25 -21.10 -1.87 21.65
N MET B 26 -20.98 -3.10 21.15
CA MET B 26 -22.15 -3.84 20.68
C MET B 26 -22.12 -5.26 21.19
N THR B 27 -23.26 -5.94 21.16
CA THR B 27 -23.30 -7.33 21.61
C THR B 27 -22.71 -8.20 20.51
N HIS B 28 -22.31 -9.41 20.87
CA HIS B 28 -21.74 -10.33 19.89
C HIS B 28 -22.73 -10.54 18.75
N SER B 29 -24.00 -10.68 19.10
CA SER B 29 -25.07 -10.89 18.14
C SER B 29 -25.17 -9.72 17.15
N GLU B 30 -25.13 -8.50 17.67
CA GLU B 30 -25.22 -7.31 16.82
C GLU B 30 -24.06 -7.23 15.84
N VAL B 31 -22.86 -7.52 16.34
CA VAL B 31 -21.67 -7.47 15.51
C VAL B 31 -21.76 -8.53 14.41
N GLU B 32 -22.13 -9.75 14.79
CA GLU B 32 -22.25 -10.84 13.83
C GLU B 32 -23.29 -10.52 12.75
N LYS B 33 -24.42 -9.96 13.16
CA LYS B 33 -25.45 -9.61 12.19
C LYS B 33 -25.01 -8.50 11.26
N ALA B 34 -24.30 -7.51 11.80
CA ALA B 34 -23.82 -6.38 11.00
C ALA B 34 -22.88 -6.86 9.89
N PHE B 35 -21.92 -7.70 10.24
CA PHE B 35 -20.99 -8.20 9.24
C PHE B 35 -21.66 -9.11 8.23
N LYS B 36 -22.61 -9.92 8.69
CA LYS B 36 -23.32 -10.83 7.79
C LYS B 36 -24.09 -10.00 6.75
N LYS B 37 -24.75 -8.95 7.23
CA LYS B 37 -25.53 -8.06 6.38
C LYS B 37 -24.60 -7.34 5.39
N ALA B 38 -23.43 -6.94 5.87
CA ALA B 38 -22.46 -6.23 5.03
C ALA B 38 -22.00 -7.10 3.86
N PHE B 39 -21.74 -8.38 4.12
CA PHE B 39 -21.31 -9.29 3.06
C PHE B 39 -22.46 -9.55 2.09
N LYS B 40 -23.68 -9.59 2.62
CA LYS B 40 -24.85 -9.84 1.79
C LYS B 40 -25.04 -8.72 0.77
N VAL B 41 -24.56 -7.52 1.11
CA VAL B 41 -24.67 -6.39 0.21
C VAL B 41 -24.02 -6.71 -1.14
N TRP B 42 -22.86 -7.34 -1.08
CA TRP B 42 -22.11 -7.69 -2.29
C TRP B 42 -22.51 -9.03 -2.92
N SER B 43 -22.84 -10.02 -2.10
CA SER B 43 -23.23 -11.32 -2.62
C SER B 43 -24.60 -11.26 -3.29
N ASP B 44 -25.40 -10.27 -2.92
CA ASP B 44 -26.73 -10.12 -3.50
C ASP B 44 -26.69 -9.62 -4.96
N VAL B 45 -25.55 -9.07 -5.38
CA VAL B 45 -25.44 -8.56 -6.75
C VAL B 45 -24.28 -9.13 -7.56
N THR B 46 -23.71 -10.24 -7.09
CA THR B 46 -22.59 -10.89 -7.77
C THR B 46 -22.68 -12.39 -7.51
N PRO B 47 -21.78 -13.19 -8.11
CA PRO B 47 -21.79 -14.63 -7.90
C PRO B 47 -21.04 -15.00 -6.62
N LEU B 48 -20.56 -13.99 -5.91
CA LEU B 48 -19.80 -14.19 -4.67
C LEU B 48 -20.62 -14.80 -3.54
N ASN B 49 -19.98 -15.71 -2.80
CA ASN B 49 -20.59 -16.37 -1.66
C ASN B 49 -19.65 -16.22 -0.48
N PHE B 50 -20.20 -15.93 0.70
CA PHE B 50 -19.37 -15.76 1.89
C PHE B 50 -19.76 -16.75 3.00
N THR B 51 -18.75 -17.43 3.54
CA THR B 51 -18.99 -18.40 4.60
C THR B 51 -18.15 -18.02 5.82
N ARG B 52 -18.78 -18.05 7.00
CA ARG B 52 -18.10 -17.69 8.22
C ARG B 52 -17.36 -18.85 8.88
N LEU B 53 -16.10 -18.59 9.26
CA LEU B 53 -15.26 -19.59 9.92
C LEU B 53 -15.07 -19.10 11.35
N HIS B 54 -15.00 -20.02 12.30
CA HIS B 54 -14.84 -19.63 13.71
C HIS B 54 -13.40 -19.75 14.21
N ASP B 55 -12.53 -20.29 13.38
CA ASP B 55 -11.13 -20.45 13.74
C ASP B 55 -10.32 -20.65 12.47
N GLY B 56 -9.00 -20.58 12.60
CA GLY B 56 -8.15 -20.75 11.44
C GLY B 56 -8.07 -19.47 10.64
N ILE B 57 -7.42 -19.52 9.48
CA ILE B 57 -7.28 -18.34 8.65
C ILE B 57 -8.31 -18.32 7.53
N ALA B 58 -9.09 -17.26 7.49
CA ALA B 58 -10.11 -17.08 6.47
C ALA B 58 -9.59 -16.08 5.45
N ASP B 59 -10.21 -16.06 4.27
CA ASP B 59 -9.78 -15.12 3.23
C ASP B 59 -9.89 -13.70 3.74
N ILE B 60 -10.96 -13.41 4.47
CA ILE B 60 -11.17 -12.07 5.00
C ILE B 60 -11.20 -12.12 6.53
N MET B 61 -10.08 -11.76 7.15
CA MET B 61 -9.98 -11.74 8.60
C MET B 61 -10.46 -10.39 9.11
N ILE B 62 -11.43 -10.42 10.01
CA ILE B 62 -12.01 -9.20 10.57
C ILE B 62 -11.62 -9.01 12.03
N SER B 63 -11.11 -7.84 12.37
CA SER B 63 -10.72 -7.59 13.74
C SER B 63 -10.81 -6.12 14.14
N PHE B 64 -10.92 -5.89 15.44
CA PHE B 64 -10.98 -4.54 15.99
C PHE B 64 -9.67 -4.30 16.69
N GLY B 65 -9.09 -3.13 16.48
CA GLY B 65 -7.83 -2.80 17.13
C GLY B 65 -7.68 -1.30 17.26
N ILE B 66 -6.68 -0.87 18.03
CA ILE B 66 -6.43 0.55 18.21
C ILE B 66 -4.96 0.86 17.99
N LYS B 67 -4.66 2.12 17.71
CA LYS B 67 -3.29 2.57 17.47
C LYS B 67 -2.53 1.57 16.60
N GLU B 68 -1.30 1.23 16.98
CA GLU B 68 -0.54 0.25 16.20
C GLU B 68 -1.07 -1.12 16.57
N HIS B 69 -1.62 -1.83 15.59
CA HIS B 69 -2.21 -3.12 15.84
C HIS B 69 -1.67 -4.30 15.04
N GLY B 70 -0.45 -4.18 14.52
CA GLY B 70 0.12 -5.31 13.79
C GLY B 70 0.42 -5.22 12.31
N ASP B 71 0.18 -4.08 11.67
CA ASP B 71 0.46 -3.97 10.24
C ASP B 71 1.16 -2.68 9.85
N PHE B 72 1.52 -1.89 10.87
CA PHE B 72 2.19 -0.61 10.69
C PHE B 72 1.40 0.45 9.93
N TYR B 73 0.07 0.32 10.02
CA TYR B 73 -0.89 1.27 9.45
C TYR B 73 -1.70 1.58 10.70
N PRO B 74 -1.06 2.22 11.69
CA PRO B 74 -1.71 2.57 12.96
C PRO B 74 -2.94 3.46 12.88
N PHE B 75 -3.92 3.16 13.73
CA PHE B 75 -5.11 3.96 13.79
C PHE B 75 -4.73 5.18 14.63
N ASP B 76 -5.65 6.13 14.75
CA ASP B 76 -5.35 7.38 15.43
C ASP B 76 -6.22 7.83 16.60
N GLY B 77 -6.79 6.89 17.35
CA GLY B 77 -7.63 7.29 18.48
C GLY B 77 -8.98 7.73 17.94
N PRO B 78 -9.85 8.34 18.77
CA PRO B 78 -11.17 8.77 18.28
C PRO B 78 -11.12 9.72 17.08
N SER B 79 -12.07 9.57 16.17
CA SER B 79 -12.16 10.41 14.97
C SER B 79 -11.03 10.15 13.98
N GLY B 80 -11.17 10.68 12.77
CA GLY B 80 -10.13 10.47 11.76
C GLY B 80 -10.35 9.14 11.07
N LEU B 81 -9.30 8.34 10.96
CA LEU B 81 -9.40 7.03 10.31
C LEU B 81 -10.45 6.20 11.04
N LEU B 82 -11.32 5.51 10.31
CA LEU B 82 -12.34 4.72 10.98
C LEU B 82 -12.06 3.23 10.89
N ALA B 83 -11.43 2.85 9.78
CA ALA B 83 -11.10 1.45 9.53
C ALA B 83 -10.42 1.38 8.17
N HIS B 84 -9.83 0.24 7.86
CA HIS B 84 -9.20 0.06 6.57
C HIS B 84 -9.18 -1.41 6.20
N ALA B 85 -9.11 -1.69 4.90
CA ALA B 85 -9.11 -3.07 4.44
C ALA B 85 -8.08 -3.22 3.33
N PHE B 86 -7.49 -4.40 3.25
CA PHE B 86 -6.49 -4.69 2.24
C PHE B 86 -7.15 -5.23 0.97
N PRO B 87 -6.65 -4.82 -0.20
CA PRO B 87 -7.23 -5.28 -1.46
C PRO B 87 -7.02 -6.79 -1.60
N PRO B 88 -7.71 -7.43 -2.55
CA PRO B 88 -7.60 -8.87 -2.78
C PRO B 88 -6.16 -9.34 -2.82
N GLY B 89 -5.91 -10.51 -2.25
CA GLY B 89 -4.57 -11.06 -2.23
C GLY B 89 -4.39 -12.01 -1.06
N PRO B 90 -3.20 -12.63 -0.93
CA PRO B 90 -2.92 -13.56 0.17
C PRO B 90 -2.52 -12.82 1.45
N ASN B 91 -2.35 -13.58 2.52
CA ASN B 91 -1.94 -13.02 3.81
C ASN B 91 -2.91 -11.93 4.27
N TYR B 92 -2.45 -10.70 4.44
CA TYR B 92 -3.34 -9.63 4.89
C TYR B 92 -4.37 -9.23 3.83
N GLY B 93 -4.12 -9.59 2.57
CA GLY B 93 -5.04 -9.23 1.50
C GLY B 93 -6.50 -9.55 1.82
N GLY B 94 -7.37 -8.56 1.70
CA GLY B 94 -8.78 -8.79 1.97
C GLY B 94 -9.20 -8.53 3.42
N ASP B 95 -8.24 -8.59 4.34
CA ASP B 95 -8.54 -8.36 5.75
C ASP B 95 -9.11 -6.98 6.03
N ALA B 96 -9.98 -6.90 7.04
CA ALA B 96 -10.61 -5.64 7.42
C ALA B 96 -10.38 -5.34 8.89
N HIS B 97 -9.86 -4.14 9.18
CA HIS B 97 -9.57 -3.73 10.54
C HIS B 97 -10.41 -2.52 10.91
N PHE B 98 -11.02 -2.57 12.09
CA PHE B 98 -11.87 -1.49 12.56
C PHE B 98 -11.26 -0.84 13.80
N ASP B 99 -11.21 0.49 13.79
CA ASP B 99 -10.61 1.24 14.89
C ASP B 99 -11.52 1.20 16.10
N ASP B 100 -11.08 0.52 17.15
CA ASP B 100 -11.91 0.40 18.34
C ASP B 100 -11.84 1.60 19.28
N ASP B 101 -11.30 2.71 18.77
CA ASP B 101 -11.27 3.94 19.55
C ASP B 101 -12.45 4.78 19.06
N GLU B 102 -13.17 4.23 18.10
CA GLU B 102 -14.38 4.87 17.57
C GLU B 102 -15.53 4.18 18.29
N THR B 103 -16.68 4.85 18.31
CA THR B 103 -17.86 4.26 18.95
C THR B 103 -18.70 3.61 17.86
N TRP B 104 -18.85 2.29 17.97
CA TRP B 104 -19.61 1.52 16.98
C TRP B 104 -21.01 1.17 17.44
N THR B 105 -21.95 1.16 16.50
CA THR B 105 -23.32 0.85 16.85
C THR B 105 -24.15 0.28 15.71
N SER B 106 -25.34 -0.20 16.06
CA SER B 106 -26.30 -0.75 15.11
C SER B 106 -27.64 -0.06 15.33
N SER B 107 -27.99 0.13 16.60
CA SER B 107 -29.26 0.78 16.94
C SER B 107 -29.12 1.86 18.01
N SER B 108 -27.90 2.29 18.29
CA SER B 108 -27.67 3.34 19.28
C SER B 108 -26.78 4.45 18.71
N LYS B 109 -25.94 5.04 19.55
CA LYS B 109 -25.06 6.13 19.12
C LYS B 109 -23.71 5.63 18.59
N GLY B 110 -23.15 6.37 17.65
CA GLY B 110 -21.86 6.01 17.07
C GLY B 110 -21.93 5.70 15.59
N TYR B 111 -20.78 5.32 15.02
CA TYR B 111 -20.68 4.97 13.60
C TYR B 111 -21.38 3.63 13.39
N ASN B 112 -22.17 3.54 12.32
CA ASN B 112 -22.87 2.30 12.03
C ASN B 112 -21.87 1.27 11.51
N LEU B 113 -21.66 0.22 12.30
CA LEU B 113 -20.71 -0.83 11.92
C LEU B 113 -21.05 -1.47 10.57
N PHE B 114 -22.31 -1.81 10.36
CA PHE B 114 -22.74 -2.41 9.11
C PHE B 114 -22.32 -1.56 7.90
N LEU B 115 -22.60 -0.27 7.98
CA LEU B 115 -22.29 0.66 6.90
C LEU B 115 -20.79 0.72 6.62
N VAL B 116 -20.00 0.88 7.67
CA VAL B 116 -18.56 0.96 7.52
C VAL B 116 -18.01 -0.36 6.99
N ALA B 117 -18.54 -1.47 7.51
CA ALA B 117 -18.11 -2.79 7.08
C ALA B 117 -18.42 -3.02 5.60
N ALA B 118 -19.62 -2.64 5.16
CA ALA B 118 -20.00 -2.81 3.76
C ALA B 118 -19.01 -2.07 2.86
N HIS B 119 -18.65 -0.87 3.29
CA HIS B 119 -17.72 -0.03 2.55
C HIS B 119 -16.34 -0.68 2.49
N GLU B 120 -15.86 -1.13 3.65
CA GLU B 120 -14.55 -1.77 3.72
C GLU B 120 -14.49 -3.06 2.92
N PHE B 121 -15.54 -3.87 2.99
CA PHE B 121 -15.58 -5.11 2.24
C PHE B 121 -15.52 -4.80 0.75
N GLY B 122 -15.96 -3.60 0.38
CA GLY B 122 -15.90 -3.20 -1.02
C GLY B 122 -14.43 -3.19 -1.43
N HIS B 123 -13.58 -2.65 -0.55
CA HIS B 123 -12.14 -2.61 -0.81
C HIS B 123 -11.57 -4.02 -0.80
N SER B 124 -12.06 -4.85 0.13
CA SER B 124 -11.59 -6.22 0.25
C SER B 124 -11.84 -6.99 -1.05
N LEU B 125 -12.87 -6.57 -1.78
CA LEU B 125 -13.23 -7.24 -3.03
C LEU B 125 -12.59 -6.66 -4.29
N GLY B 126 -11.94 -5.51 -4.16
CA GLY B 126 -11.29 -4.93 -5.31
C GLY B 126 -11.78 -3.57 -5.77
N LEU B 127 -12.63 -2.92 -4.98
CA LEU B 127 -13.15 -1.61 -5.35
C LEU B 127 -12.41 -0.47 -4.66
N ASP B 128 -12.15 0.59 -5.42
CA ASP B 128 -11.47 1.77 -4.90
C ASP B 128 -12.60 2.74 -4.58
N HIS B 129 -12.25 3.97 -4.21
CA HIS B 129 -13.26 4.97 -3.90
C HIS B 129 -13.96 5.50 -5.15
N SER B 130 -15.23 5.85 -4.98
CA SER B 130 -16.03 6.39 -6.08
C SER B 130 -16.09 7.91 -5.94
N LYS B 131 -16.34 8.59 -7.06
CA LYS B 131 -16.45 10.05 -7.05
C LYS B 131 -17.90 10.47 -6.84
N ASP B 132 -18.82 9.50 -6.95
CA ASP B 132 -20.24 9.77 -6.77
C ASP B 132 -20.56 9.92 -5.28
N PRO B 133 -20.93 11.14 -4.86
CA PRO B 133 -21.28 11.52 -3.49
C PRO B 133 -22.28 10.61 -2.77
N GLY B 134 -23.15 9.95 -3.52
CA GLY B 134 -24.13 9.08 -2.89
C GLY B 134 -23.82 7.60 -2.89
N ALA B 135 -22.64 7.25 -3.38
CA ALA B 135 -22.24 5.85 -3.45
C ALA B 135 -21.69 5.31 -2.13
N LEU B 136 -21.83 4.00 -1.94
CA LEU B 136 -21.32 3.37 -0.73
C LEU B 136 -19.81 3.56 -0.67
N MET B 137 -19.16 3.49 -1.83
CA MET B 137 -17.72 3.63 -1.91
C MET B 137 -17.17 5.06 -1.95
N PHE B 138 -18.03 6.04 -1.67
CA PHE B 138 -17.57 7.42 -1.63
C PHE B 138 -16.63 7.45 -0.42
N PRO B 139 -15.58 8.27 -0.46
CA PRO B 139 -14.64 8.35 0.66
C PRO B 139 -15.12 8.92 1.99
N ILE B 140 -16.21 9.68 1.98
CA ILE B 140 -16.72 10.29 3.21
C ILE B 140 -17.97 9.63 3.79
N TYR B 141 -17.88 9.22 5.06
CA TYR B 141 -19.00 8.59 5.76
C TYR B 141 -20.18 9.55 5.85
N THR B 142 -21.33 9.12 5.33
CA THR B 142 -22.54 9.95 5.35
C THR B 142 -23.79 9.12 5.63
N TYR B 143 -24.01 8.81 6.90
CA TYR B 143 -25.16 8.03 7.34
C TYR B 143 -26.46 8.79 7.06
N THR B 144 -27.33 8.22 6.22
CA THR B 144 -28.59 8.87 5.87
C THR B 144 -29.70 8.65 6.90
N GLY B 145 -29.48 7.73 7.82
CA GLY B 145 -30.47 7.47 8.85
C GLY B 145 -31.65 6.61 8.42
N LYS B 146 -31.69 6.21 7.15
CA LYS B 146 -32.79 5.39 6.66
C LYS B 146 -32.80 4.02 7.35
N SER B 147 -33.99 3.42 7.41
CA SER B 147 -34.16 2.12 8.05
C SER B 147 -33.79 0.95 7.15
N HIS B 148 -33.73 1.19 5.85
CA HIS B 148 -33.38 0.14 4.90
C HIS B 148 -32.21 0.57 4.04
N PHE B 149 -31.27 -0.35 3.82
CA PHE B 149 -30.12 -0.05 3.00
C PHE B 149 -30.30 -0.55 1.59
N MET B 150 -29.98 0.32 0.63
CA MET B 150 -30.08 -0.02 -0.78
C MET B 150 -28.74 0.31 -1.43
N LEU B 151 -28.07 -0.71 -1.98
CA LEU B 151 -26.78 -0.49 -2.61
C LEU B 151 -26.93 0.45 -3.80
N PRO B 152 -26.23 1.59 -3.79
CA PRO B 152 -26.32 2.54 -4.90
C PRO B 152 -25.90 1.90 -6.22
N ASP B 153 -26.54 2.32 -7.31
CA ASP B 153 -26.24 1.77 -8.62
C ASP B 153 -24.77 1.89 -9.02
N ASP B 154 -24.10 2.95 -8.58
CA ASP B 154 -22.69 3.14 -8.92
C ASP B 154 -21.87 1.98 -8.39
N ASP B 155 -22.15 1.58 -7.16
CA ASP B 155 -21.45 0.47 -6.51
C ASP B 155 -21.80 -0.85 -7.17
N VAL B 156 -23.05 -0.99 -7.58
CA VAL B 156 -23.50 -2.22 -8.24
C VAL B 156 -22.71 -2.37 -9.55
N GLN B 157 -22.65 -1.30 -10.32
CA GLN B 157 -21.92 -1.33 -11.58
C GLN B 157 -20.44 -1.61 -11.36
N GLY B 158 -19.88 -1.01 -10.32
CA GLY B 158 -18.47 -1.20 -10.02
C GLY B 158 -18.10 -2.62 -9.66
N ILE B 159 -18.82 -3.20 -8.70
CA ILE B 159 -18.53 -4.57 -8.28
C ILE B 159 -18.82 -5.57 -9.39
N GLN B 160 -19.87 -5.31 -10.16
CA GLN B 160 -20.23 -6.21 -11.24
C GLN B 160 -19.25 -6.15 -12.41
N SER B 161 -18.52 -5.05 -12.51
CA SER B 161 -17.54 -4.90 -13.58
C SER B 161 -16.38 -5.85 -13.31
N LEU B 162 -16.31 -6.32 -12.06
CA LEU B 162 -15.25 -7.24 -11.66
C LEU B 162 -15.70 -8.69 -11.59
N TYR B 163 -16.87 -8.92 -11.00
CA TYR B 163 -17.38 -10.27 -10.81
C TYR B 163 -18.62 -10.64 -11.61
N GLY B 164 -19.24 -9.65 -12.25
CA GLY B 164 -20.45 -9.92 -13.03
C GLY B 164 -21.64 -10.00 -12.11
N PRO B 165 -22.86 -10.09 -12.67
CA PRO B 165 -24.12 -10.17 -11.92
C PRO B 165 -24.35 -11.51 -11.25
N GLY B 166 -25.29 -11.54 -10.31
CA GLY B 166 -25.59 -12.78 -9.60
C GLY B 166 -26.41 -13.74 -10.44
ZN ZN C . 16.10 -4.72 -4.53
ZN ZN D . 12.83 -0.74 7.02
CA CA E . 23.44 -5.10 7.05
CA CA F . 5.32 6.74 1.94
C1 PB4 G . 25.60 -0.39 -12.39
C2 PB4 G . 25.39 -1.31 -11.38
C3 PB4 G . 24.19 -2.00 -11.35
C7 PB4 G . 20.76 -4.58 -4.20
C8 PB4 G . 29.16 7.28 -12.13
C9 PB4 G . 23.94 -2.95 -10.28
C10 PB4 G . 22.15 -4.26 -9.10
C11 PB4 G . 21.92 -3.61 -7.75
C12 PB4 G . 26.87 0.35 -12.42
C13 PB4 G . 28.04 2.43 -13.30
C14 PB4 G . 28.05 3.58 -12.29
C15 PB4 G . 28.58 4.85 -12.68
C16 PB4 G . 28.09 5.75 -10.37
C19 PB4 G . 22.15 -2.19 -7.56
C20 PB4 G . 21.94 -1.56 -6.32
C21 PB4 G . 21.48 -2.33 -5.22
C22 PB4 G . 21.47 -4.39 -6.64
N1 PB4 G . 23.20 -1.78 -12.34
C5 PB4 G . 23.41 -0.86 -13.38
N2 PB4 G . 24.62 -0.17 -13.38
N3 PB4 G . 22.62 -3.33 -10.16
N4 PB4 G . 26.87 1.53 -13.18
C6 PB4 G . 28.60 5.93 -11.71
C17 PB4 G . 27.58 4.49 -9.98
C18 PB4 G . 27.56 3.42 -10.94
C4 PB4 G . 21.25 -3.74 -5.39
O1 PB4 G . 27.91 0.05 -11.82
O2 PB4 G . 24.77 -3.41 -9.48
F1 PB4 G . 21.25 -1.66 -3.87
F2 PB4 G . 28.13 6.83 -9.43
ZN ZN H . -12.73 3.57 1.72
ZN ZN I . -4.74 -2.53 10.25
CA CA J . -9.83 6.88 14.48
CA CA K . -6.63 -12.32 4.12
C1 PB4 L . -25.66 5.09 3.09
C2 PB4 L . -24.44 5.69 3.42
C3 PB4 L . -23.45 5.73 2.46
C7 PB4 L . -15.41 5.88 4.81
C8 PB4 L . -30.47 -0.21 7.45
C9 PB4 L . -22.18 6.33 2.79
C10 PB4 L . -19.74 6.46 2.16
C11 PB4 L . -18.93 5.74 3.23
C12 PB4 L . -26.71 5.05 4.11
C13 PB4 L . -28.84 3.87 4.82
C14 PB4 L . -28.60 2.80 5.89
C15 PB4 L . -29.61 1.83 6.16
C16 PB4 L . -28.15 0.77 7.90
C19 PB4 L . -19.49 4.63 3.99
C20 PB4 L . -18.75 3.94 4.98
C21 PB4 L . -17.42 4.35 5.24
C22 PB4 L . -17.59 6.14 3.51
N1 PB4 L . -23.65 5.18 1.18
C5 PB4 L . -24.87 4.58 0.83
N2 PB4 L . -25.87 4.55 1.81
N3 PB4 L . -21.13 5.95 1.96
N4 PB4 L . -27.70 4.07 3.90
C6 PB4 L . -29.38 0.83 7.17
C17 PB4 L . -27.13 1.73 7.64
C18 PB4 L . -27.36 2.73 6.63
C4 PB4 L . -16.85 5.44 4.51
O1 PB4 L . -26.79 5.77 5.11
O2 PB4 L . -21.94 7.11 3.72
F1 PB4 L . -16.59 3.63 6.30
F2 PB4 L . -27.94 -0.23 8.90
#